data_2W3H
#
_entry.id   2W3H
#
_cell.length_a   36.595
_cell.length_b   84.364
_cell.length_c   100.537
_cell.angle_alpha   90.00
_cell.angle_beta   90.00
_cell.angle_gamma   90.00
#
_symmetry.space_group_name_H-M   'P 21 21 21'
#
loop_
_entity.id
_entity.type
_entity.pdbx_description
1 polymer 'TWO COMPONENT SENSOR HISTIDINE KINASE DEVS (GAF FAMILY PROTEIN)'
2 non-polymer 'PROTOPORPHYRIN IX CONTAINING FE'
3 non-polymer 'CYANIDE ION'
4 non-polymer 'CALCIUM ION'
5 water water
#
_entity_poly.entity_id   1
_entity_poly.type   'polypeptide(L)'
_entity_poly.pdbx_seq_one_letter_code
;GAMDPDLEATLRAIVHSATSLVDARYGAMEVHDRQHRVLHFVYEGIDEETVRRIGHLPKGLGVIGLLIEDPKPLRLDDVS
AHPASIGFPPYHPPMRTFLGVPVRVRDESFGTLYLTDKTNGQPFSDDDEVLVQALAAAAGIAVANARLYQQAK
;
_entity_poly.pdbx_strand_id   A,B
#
# COMPACT_ATOMS: atom_id res chain seq x y z
N GLY A 1 13.55 13.38 15.53
CA GLY A 1 14.40 13.63 14.32
C GLY A 1 13.77 13.05 13.05
N ALA A 2 14.60 12.53 12.16
CA ALA A 2 14.11 11.94 10.93
C ALA A 2 13.27 10.69 11.20
N MET A 3 12.23 10.51 10.39
CA MET A 3 11.51 9.24 10.28
C MET A 3 12.48 8.08 10.07
N ASP A 4 12.14 6.92 10.65
CA ASP A 4 12.79 5.67 10.25
C ASP A 4 12.76 5.62 8.72
N PRO A 5 13.93 5.35 8.10
CA PRO A 5 14.00 5.37 6.63
C PRO A 5 13.05 4.37 5.95
N ASP A 6 12.83 3.19 6.53
CA ASP A 6 11.96 2.22 5.87
C ASP A 6 10.53 2.70 5.94
N LEU A 7 10.14 3.20 7.11
CA LEU A 7 8.82 3.81 7.26
C LEU A 7 8.63 4.97 6.30
N GLU A 8 9.64 5.85 6.19
CA GLU A 8 9.52 7.01 5.32
C GLU A 8 9.40 6.62 3.83
N ALA A 9 10.20 5.65 3.39
CA ALA A 9 10.08 5.16 2.02
C ALA A 9 8.70 4.56 1.76
N THR A 10 8.14 3.91 2.77
CA THR A 10 6.89 3.19 2.65
C THR A 10 5.77 4.21 2.52
N LEU A 11 5.81 5.21 3.39
CA LEU A 11 4.77 6.23 3.43
C LEU A 11 4.81 7.09 2.16
N ARG A 12 6.01 7.41 1.68
CA ARG A 12 6.15 8.07 0.40
C ARG A 12 5.59 7.23 -0.75
N ALA A 13 5.86 5.92 -0.75
CA ALA A 13 5.40 5.04 -1.82
C ALA A 13 3.88 4.96 -1.84
N ILE A 14 3.28 4.94 -0.65
CA ILE A 14 1.83 4.94 -0.53
C ILE A 14 1.19 6.24 -1.09
N VAL A 15 1.75 7.39 -0.71
CA VAL A 15 1.24 8.67 -1.20
C VAL A 15 1.32 8.65 -2.72
N HIS A 16 2.45 8.20 -3.23
CA HIS A 16 2.64 8.19 -4.67
C HIS A 16 1.59 7.32 -5.37
N SER A 17 1.42 6.10 -4.89
CA SER A 17 0.44 5.17 -5.48
C SER A 17 -0.97 5.72 -5.39
N ALA A 18 -1.33 6.27 -4.24
CA ALA A 18 -2.64 6.89 -4.05
C ALA A 18 -2.88 7.99 -5.08
N THR A 19 -1.89 8.86 -5.26
CA THR A 19 -1.97 10.01 -6.17
C THR A 19 -2.18 9.54 -7.61
N SER A 20 -1.42 8.53 -8.02
CA SER A 20 -1.54 7.88 -9.34
C SER A 20 -2.88 7.19 -9.52
N LEU A 21 -3.22 6.34 -8.54
CA LEU A 21 -4.41 5.49 -8.60
C LEU A 21 -5.71 6.30 -8.78
N VAL A 22 -5.85 7.41 -8.04
CA VAL A 22 -7.09 8.22 -8.11
C VAL A 22 -6.97 9.47 -8.98
N ASP A 23 -5.87 9.58 -9.71
CA ASP A 23 -5.64 10.66 -10.68
C ASP A 23 -5.56 12.06 -10.08
N ALA A 24 -5.06 12.14 -8.85
CA ALA A 24 -4.92 13.42 -8.17
C ALA A 24 -3.72 14.22 -8.66
N ARG A 25 -3.86 15.53 -8.62
CA ARG A 25 -2.77 16.47 -8.96
C ARG A 25 -1.74 16.46 -7.80
N TYR A 26 -2.25 16.47 -6.56
CA TYR A 26 -1.41 16.59 -5.37
C TYR A 26 -1.81 15.52 -4.35
N GLY A 27 -0.83 15.04 -3.62
CA GLY A 27 -1.04 14.03 -2.57
C GLY A 27 -0.17 14.29 -1.37
N ALA A 28 -0.71 14.05 -0.18
CA ALA A 28 0.05 14.29 1.04
C ALA A 28 -0.36 13.35 2.16
N MET A 29 0.49 13.24 3.18
CA MET A 29 0.19 12.50 4.42
C MET A 29 0.87 13.21 5.58
N GLU A 30 0.09 13.49 6.61
CA GLU A 30 0.64 13.93 7.88
C GLU A 30 0.56 12.77 8.86
N VAL A 31 1.54 12.69 9.75
CA VAL A 31 1.54 11.72 10.83
C VAL A 31 1.66 12.51 12.12
N HIS A 32 0.82 12.18 13.11
CA HIS A 32 0.85 12.94 14.34
C HIS A 32 0.97 12.01 15.55
N ASP A 33 1.29 12.59 16.71
CA ASP A 33 1.34 11.81 17.94
C ASP A 33 -0.07 11.67 18.55
N ARG A 34 -0.16 10.95 19.67
CA ARG A 34 -1.42 10.77 20.40
C ARG A 34 -2.08 12.06 20.91
N GLN A 35 -1.30 13.12 21.05
CA GLN A 35 -1.82 14.41 21.44
C GLN A 35 -2.24 15.22 20.21
N HIS A 36 -2.14 14.59 19.03
CA HIS A 36 -2.52 15.18 17.74
C HIS A 36 -1.55 16.23 17.23
N ARG A 37 -0.33 16.20 17.74
CA ARG A 37 0.71 17.12 17.31
C ARG A 37 1.41 16.54 16.08
N VAL A 38 1.42 17.31 15.00
CA VAL A 38 2.02 16.83 13.76
C VAL A 38 3.52 16.59 13.94
N LEU A 39 3.98 15.40 13.57
CA LEU A 39 5.40 15.06 13.66
C LEU A 39 6.11 14.95 12.32
N HIS A 40 5.39 14.52 11.28
CA HIS A 40 5.99 14.32 9.96
C HIS A 40 5.02 14.63 8.84
N PHE A 41 5.55 15.05 7.70
CA PHE A 41 4.71 15.43 6.60
C PHE A 41 5.40 15.05 5.31
N VAL A 42 4.73 14.29 4.46
CA VAL A 42 5.26 13.95 3.12
C VAL A 42 4.23 14.30 2.05
N TYR A 43 4.68 14.63 0.85
CA TYR A 43 3.76 15.15 -0.13
C TYR A 43 4.36 14.95 -1.49
N GLU A 44 3.54 15.11 -2.51
CA GLU A 44 4.05 15.12 -3.87
C GLU A 44 3.17 15.89 -4.82
N GLY A 45 3.76 16.36 -5.90
CA GLY A 45 3.05 17.16 -6.87
C GLY A 45 3.42 18.63 -6.86
N ILE A 46 4.20 19.06 -5.87
CA ILE A 46 4.61 20.47 -5.75
C ILE A 46 6.11 20.62 -5.97
N ASP A 47 6.49 21.45 -6.93
CA ASP A 47 7.90 21.66 -7.26
C ASP A 47 8.67 22.26 -6.09
N GLU A 48 9.98 21.99 -6.08
CA GLU A 48 10.90 22.39 -5.03
C GLU A 48 10.90 23.91 -4.76
N GLU A 49 10.85 24.69 -5.83
CA GLU A 49 10.80 26.15 -5.73
C GLU A 49 9.56 26.66 -5.03
N THR A 50 8.40 26.08 -5.34
CA THR A 50 7.15 26.44 -4.68
C THR A 50 7.22 26.10 -3.18
N VAL A 51 7.69 24.90 -2.86
CA VAL A 51 7.86 24.46 -1.47
C VAL A 51 8.68 25.48 -0.70
N ARG A 52 9.75 25.95 -1.35
CA ARG A 52 10.61 26.97 -0.75
C ARG A 52 9.88 28.30 -0.50
N ARG A 53 9.05 28.73 -1.45
CA ARG A 53 8.29 29.97 -1.29
C ARG A 53 7.25 29.88 -0.18
N ILE A 54 6.53 28.77 -0.14
CA ILE A 54 5.55 28.49 0.91
C ILE A 54 6.21 28.60 2.29
N GLY A 55 7.36 27.94 2.46
CA GLY A 55 8.09 28.01 3.71
C GLY A 55 7.59 27.05 4.78
N HIS A 56 6.73 27.56 5.64
CA HIS A 56 6.30 26.82 6.80
C HIS A 56 5.46 25.60 6.45
N LEU A 57 5.77 24.49 7.11
CA LEU A 57 5.01 23.26 6.95
C LEU A 57 3.66 23.42 7.66
N PRO A 58 2.68 22.57 7.30
CA PRO A 58 1.37 22.60 7.93
C PRO A 58 1.37 22.15 9.38
N LYS A 59 0.49 22.74 10.16
CA LYS A 59 0.46 22.49 11.59
C LYS A 59 -0.70 21.59 11.97
N GLY A 60 -1.44 21.11 10.97
CA GLY A 60 -2.62 20.30 11.23
C GLY A 60 -3.80 21.15 11.62
N LEU A 61 -4.02 22.23 10.88
CA LEU A 61 -5.16 23.11 11.12
C LEU A 61 -6.20 22.99 10.00
N GLY A 62 -7.25 23.79 10.09
CA GLY A 62 -8.34 23.79 9.12
C GLY A 62 -8.95 22.42 8.87
N VAL A 63 -9.16 22.11 7.60
CA VAL A 63 -9.81 20.88 7.18
C VAL A 63 -9.04 19.63 7.63
N ILE A 64 -7.72 19.61 7.46
CA ILE A 64 -6.92 18.48 7.97
C ILE A 64 -7.02 18.37 9.48
N GLY A 65 -7.00 19.52 10.15
CA GLY A 65 -7.24 19.58 11.59
C GLY A 65 -8.55 18.92 11.97
N LEU A 66 -9.58 19.10 11.15
CA LEU A 66 -10.87 18.47 11.44
C LEU A 66 -10.77 16.95 11.40
N LEU A 67 -10.07 16.45 10.38
CA LEU A 67 -9.87 15.03 10.16
C LEU A 67 -8.97 14.38 11.20
N ILE A 68 -8.02 15.15 11.72
CA ILE A 68 -7.18 14.67 12.82
C ILE A 68 -8.04 14.45 14.07
N GLU A 69 -8.94 15.37 14.33
CA GLU A 69 -9.77 15.30 15.54
C GLU A 69 -10.94 14.34 15.42
N ASP A 70 -11.53 14.28 14.23
CA ASP A 70 -12.64 13.36 13.94
C ASP A 70 -12.30 12.49 12.72
N PRO A 71 -11.48 11.44 12.92
CA PRO A 71 -10.92 10.65 11.82
C PRO A 71 -11.95 9.80 11.07
N LYS A 72 -12.31 10.23 9.86
CA LYS A 72 -13.21 9.49 8.97
C LYS A 72 -13.05 10.08 7.58
N PRO A 73 -13.50 9.35 6.55
CA PRO A 73 -13.25 9.82 5.18
C PRO A 73 -14.03 11.09 4.90
N LEU A 74 -13.45 11.99 4.11
CA LEU A 74 -14.09 13.25 3.74
C LEU A 74 -13.78 13.60 2.30
N ARG A 75 -14.82 13.85 1.53
CA ARG A 75 -14.69 14.31 0.16
C ARG A 75 -15.39 15.65 0.03
N LEU A 76 -14.77 16.56 -0.69
CA LEU A 76 -15.31 17.90 -0.87
C LEU A 76 -15.07 18.35 -2.29
N ASP A 77 -16.06 19.03 -2.86
CA ASP A 77 -15.89 19.58 -4.21
C ASP A 77 -14.92 20.76 -4.19
N ASP A 78 -14.94 21.52 -3.10
CA ASP A 78 -14.23 22.79 -2.99
C ASP A 78 -13.77 22.92 -1.54
N VAL A 79 -12.53 22.52 -1.26
CA VAL A 79 -12.07 22.41 0.14
C VAL A 79 -12.14 23.74 0.93
N SER A 80 -11.80 24.85 0.28
CA SER A 80 -11.78 26.15 0.96
C SER A 80 -13.16 26.67 1.36
N ALA A 81 -14.21 26.03 0.84
CA ALA A 81 -15.60 26.38 1.15
C ALA A 81 -16.12 25.64 2.39
N HIS A 82 -15.33 24.71 2.93
CA HIS A 82 -15.73 24.00 4.15
C HIS A 82 -15.64 24.94 5.35
N PRO A 83 -16.63 24.91 6.27
CA PRO A 83 -16.65 25.78 7.45
C PRO A 83 -15.42 25.71 8.35
N ALA A 84 -14.74 24.57 8.34
CA ALA A 84 -13.55 24.42 9.16
C ALA A 84 -12.30 24.97 8.47
N SER A 85 -12.44 25.32 7.19
CA SER A 85 -11.30 25.70 6.37
C SER A 85 -10.61 26.95 6.89
N ILE A 86 -9.28 26.91 6.91
CA ILE A 86 -8.50 28.02 7.43
C ILE A 86 -7.89 28.82 6.26
N GLY A 87 -7.93 28.25 5.07
CA GLY A 87 -7.38 28.89 3.87
C GLY A 87 -5.96 28.43 3.56
N PHE A 88 -5.51 28.66 2.34
CA PHE A 88 -4.16 28.31 1.92
C PHE A 88 -3.15 29.40 2.31
N PRO A 89 -1.94 29.00 2.77
CA PRO A 89 -0.97 30.01 3.11
C PRO A 89 -0.40 30.64 1.84
N PRO A 90 0.35 31.74 1.97
CA PRO A 90 1.00 32.34 0.81
C PRO A 90 1.81 31.35 -0.03
N TYR A 91 1.60 31.44 -1.34
CA TYR A 91 2.35 30.68 -2.34
C TYR A 91 1.91 29.21 -2.52
N HIS A 92 0.98 28.76 -1.69
CA HIS A 92 0.45 27.41 -1.76
C HIS A 92 -0.46 27.34 -2.98
N PRO A 93 -0.38 26.25 -3.76
CA PRO A 93 -1.29 26.13 -4.90
C PRO A 93 -2.74 26.17 -4.45
N PRO A 94 -3.62 26.89 -5.18
CA PRO A 94 -5.00 26.79 -4.78
C PRO A 94 -5.50 25.39 -5.13
N MET A 95 -6.32 24.83 -4.27
CA MET A 95 -6.81 23.46 -4.46
C MET A 95 -8.30 23.46 -4.26
N ARG A 96 -8.97 22.62 -5.03
CA ARG A 96 -10.42 22.58 -5.04
C ARG A 96 -10.91 21.25 -4.52
N THR A 97 -10.90 20.22 -5.37
CA THR A 97 -11.44 18.90 -5.01
C THR A 97 -10.53 18.19 -4.04
N PHE A 98 -11.12 17.47 -3.09
CA PHE A 98 -10.42 16.98 -1.93
C PHE A 98 -10.93 15.60 -1.56
N LEU A 99 -10.00 14.70 -1.25
CA LEU A 99 -10.33 13.42 -0.66
C LEU A 99 -9.37 13.16 0.51
N GLY A 100 -9.90 13.00 1.72
CA GLY A 100 -8.98 12.78 2.83
C GLY A 100 -9.48 11.62 3.64
N VAL A 101 -8.58 10.73 4.05
CA VAL A 101 -8.94 9.53 4.84
C VAL A 101 -7.98 9.32 6.00
N PRO A 102 -8.47 8.77 7.13
CA PRO A 102 -7.51 8.55 8.20
C PRO A 102 -6.51 7.41 7.97
N VAL A 103 -5.31 7.59 8.51
CA VAL A 103 -4.31 6.53 8.54
C VAL A 103 -4.34 5.92 9.93
N ARG A 104 -4.80 4.69 10.02
CA ARG A 104 -5.11 4.12 11.31
C ARG A 104 -5.01 2.60 11.39
N VAL A 105 -5.14 2.09 12.61
CA VAL A 105 -5.48 0.68 12.87
C VAL A 105 -6.80 0.63 13.67
N ARG A 106 -7.12 -0.52 14.25
CA ARG A 106 -8.40 -0.67 14.95
C ARG A 106 -8.54 0.33 16.11
N ASP A 107 -7.56 0.35 17.00
CA ASP A 107 -7.67 1.13 18.25
C ASP A 107 -6.97 2.50 18.25
N GLU A 108 -6.42 2.90 17.11
CA GLU A 108 -5.60 4.11 17.03
C GLU A 108 -5.52 4.70 15.62
N SER A 109 -5.58 6.02 15.54
CA SER A 109 -5.36 6.74 14.28
C SER A 109 -4.10 7.60 14.39
N PHE A 110 -3.23 7.51 13.39
CA PHE A 110 -1.89 8.10 13.41
C PHE A 110 -1.69 9.27 12.43
N GLY A 111 -2.64 9.46 11.53
CA GLY A 111 -2.40 10.34 10.40
C GLY A 111 -3.58 10.48 9.49
N THR A 112 -3.35 11.17 8.36
CA THR A 112 -4.36 11.41 7.37
C THR A 112 -3.67 11.38 6.02
N LEU A 113 -4.27 10.65 5.08
CA LEU A 113 -3.79 10.61 3.70
C LEU A 113 -4.77 11.47 2.91
N TYR A 114 -4.28 12.47 2.20
CA TYR A 114 -5.19 13.32 1.46
C TYR A 114 -4.70 13.71 0.07
N LEU A 115 -5.68 13.85 -0.81
CA LEU A 115 -5.45 14.06 -2.25
C LEU A 115 -6.29 15.23 -2.74
N THR A 116 -5.77 16.01 -3.68
CA THR A 116 -6.56 17.13 -4.20
C THR A 116 -6.47 17.19 -5.70
N ASP A 117 -7.45 17.88 -6.29
CA ASP A 117 -7.46 18.28 -7.70
C ASP A 117 -7.32 17.12 -8.70
N LYS A 118 -8.30 16.22 -8.65
CA LYS A 118 -8.43 15.13 -9.60
C LYS A 118 -8.30 15.69 -11.01
N THR A 119 -7.48 15.04 -11.84
CA THR A 119 -7.05 15.62 -13.11
C THR A 119 -8.13 15.67 -14.19
N ASN A 120 -9.20 14.90 -14.01
CA ASN A 120 -10.34 14.97 -14.93
C ASN A 120 -11.22 16.20 -14.65
N GLY A 121 -10.93 16.91 -13.54
CA GLY A 121 -11.66 18.12 -13.16
C GLY A 121 -12.91 17.79 -12.35
N GLN A 122 -13.09 16.50 -12.09
CA GLN A 122 -14.28 16.05 -11.37
C GLN A 122 -13.95 15.84 -9.89
N PRO A 123 -15.01 15.71 -9.05
CA PRO A 123 -14.73 15.31 -7.69
C PRO A 123 -14.28 13.86 -7.65
N PHE A 124 -13.70 13.46 -6.51
CA PHE A 124 -13.26 12.10 -6.33
C PHE A 124 -14.46 11.20 -6.12
N SER A 125 -14.42 9.98 -6.66
CA SER A 125 -15.59 9.12 -6.67
C SER A 125 -15.64 8.22 -5.45
N ASP A 126 -16.74 7.47 -5.31
CA ASP A 126 -16.87 6.43 -4.29
C ASP A 126 -15.73 5.40 -4.39
N ASP A 127 -15.43 4.97 -5.62
CA ASP A 127 -14.34 4.05 -5.90
C ASP A 127 -13.01 4.59 -5.37
N ASP A 128 -12.71 5.85 -5.72
CA ASP A 128 -11.52 6.57 -5.24
C ASP A 128 -11.41 6.53 -3.71
N GLU A 129 -12.52 6.79 -3.02
CA GLU A 129 -12.48 6.78 -1.58
C GLU A 129 -12.20 5.40 -1.03
N VAL A 130 -12.81 4.37 -1.61
CA VAL A 130 -12.59 2.99 -1.14
C VAL A 130 -11.13 2.56 -1.30
N LEU A 131 -10.54 2.86 -2.45
CA LEU A 131 -9.18 2.45 -2.73
C LEU A 131 -8.17 3.17 -1.85
N VAL A 132 -8.34 4.49 -1.71
CA VAL A 132 -7.44 5.29 -0.88
C VAL A 132 -7.52 4.84 0.59
N GLN A 133 -8.71 4.38 1.02
CA GLN A 133 -8.87 3.81 2.37
C GLN A 133 -8.00 2.58 2.58
N ALA A 134 -7.88 1.78 1.52
CA ALA A 134 -7.07 0.58 1.54
C ALA A 134 -5.60 0.93 1.59
N LEU A 135 -5.18 1.91 0.80
CA LEU A 135 -3.80 2.37 0.89
C LEU A 135 -3.48 2.96 2.26
N ALA A 136 -4.43 3.70 2.85
CA ALA A 136 -4.25 4.31 4.17
C ALA A 136 -4.12 3.26 5.29
N ALA A 137 -4.88 2.18 5.19
CA ALA A 137 -4.84 1.09 6.18
C ALA A 137 -3.50 0.41 6.15
N ALA A 138 -2.91 0.31 4.95
CA ALA A 138 -1.55 -0.19 4.77
C ALA A 138 -0.53 0.75 5.41
N ALA A 139 -0.72 2.06 5.23
CA ALA A 139 0.11 3.05 5.93
C ALA A 139 -0.02 2.88 7.45
N GLY A 140 -1.23 2.63 7.92
CA GLY A 140 -1.46 2.38 9.35
C GLY A 140 -0.73 1.17 9.90
N ILE A 141 -0.76 0.06 9.17
CA ILE A 141 0.02 -1.14 9.52
C ILE A 141 1.49 -0.80 9.64
N ALA A 142 2.00 0.01 8.72
CA ALA A 142 3.39 0.41 8.69
C ALA A 142 3.75 1.31 9.87
N VAL A 143 2.93 2.32 10.13
CA VAL A 143 3.20 3.26 11.22
C VAL A 143 3.21 2.48 12.53
N ALA A 144 2.18 1.68 12.74
CA ALA A 144 2.00 0.93 13.97
C ALA A 144 3.15 -0.03 14.23
N ASN A 145 3.79 -0.46 13.15
CA ASN A 145 4.84 -1.48 13.20
C ASN A 145 6.25 -0.95 13.09
N ALA A 146 6.40 0.27 12.58
CA ALA A 146 7.70 0.93 12.65
C ALA A 146 7.93 1.20 14.14
N ARG A 147 6.82 1.50 14.81
CA ARG A 147 6.72 1.70 16.24
C ARG A 147 6.59 0.36 16.97
N PRO B 5 -0.09 -8.36 18.63
CA PRO B 5 -0.07 -8.05 17.21
C PRO B 5 0.11 -9.31 16.35
N ASP B 6 -1.00 -9.83 15.80
CA ASP B 6 -0.94 -11.07 15.01
C ASP B 6 -0.40 -10.81 13.61
N LEU B 7 0.83 -11.23 13.38
CA LEU B 7 1.52 -11.00 12.11
C LEU B 7 0.85 -11.71 10.94
N GLU B 8 0.41 -12.96 11.14
CA GLU B 8 -0.31 -13.69 10.11
C GLU B 8 -1.54 -12.93 9.64
N ALA B 9 -2.37 -12.45 10.57
CA ALA B 9 -3.55 -11.65 10.20
C ALA B 9 -3.15 -10.38 9.43
N THR B 10 -2.08 -9.74 9.89
CA THR B 10 -1.61 -8.49 9.30
C THR B 10 -1.24 -8.78 7.85
N LEU B 11 -0.49 -9.84 7.62
CA LEU B 11 -0.01 -10.18 6.27
C LEU B 11 -1.21 -10.56 5.38
N ARG B 12 -2.18 -11.26 5.97
CA ARG B 12 -3.37 -11.63 5.22
C ARG B 12 -4.17 -10.42 4.73
N ALA B 13 -4.28 -9.41 5.59
CA ALA B 13 -5.01 -8.19 5.26
C ALA B 13 -4.29 -7.48 4.11
N ILE B 14 -2.97 -7.45 4.20
CA ILE B 14 -2.18 -6.86 3.11
C ILE B 14 -2.50 -7.58 1.78
N VAL B 15 -2.50 -8.92 1.78
CA VAL B 15 -2.80 -9.72 0.56
C VAL B 15 -4.19 -9.41 0.04
N HIS B 16 -5.16 -9.39 0.96
CA HIS B 16 -6.54 -9.01 0.63
C HIS B 16 -6.63 -7.66 -0.08
N SER B 17 -5.95 -6.66 0.48
CA SER B 17 -5.87 -5.33 -0.11
C SER B 17 -5.24 -5.35 -1.50
N ALA B 18 -4.11 -6.04 -1.62
CA ALA B 18 -3.43 -6.16 -2.90
C ALA B 18 -4.31 -6.77 -3.99
N THR B 19 -5.01 -7.86 -3.67
CA THR B 19 -5.83 -8.56 -4.67
CA THR B 19 -5.86 -8.54 -4.68
C THR B 19 -6.95 -7.62 -5.17
N SER B 20 -7.59 -6.94 -4.23
CA SER B 20 -8.65 -6.00 -4.51
C SER B 20 -8.16 -4.77 -5.29
N LEU B 21 -7.10 -4.13 -4.80
CA LEU B 21 -6.61 -2.87 -5.36
C LEU B 21 -6.13 -3.00 -6.81
N VAL B 22 -5.60 -4.16 -7.18
CA VAL B 22 -5.16 -4.36 -8.56
C VAL B 22 -6.06 -5.32 -9.36
N ASP B 23 -7.24 -5.66 -8.81
CA ASP B 23 -8.22 -6.58 -9.43
C ASP B 23 -7.68 -7.92 -9.89
N ALA B 24 -6.95 -8.60 -9.02
CA ALA B 24 -6.49 -9.96 -9.27
C ALA B 24 -7.54 -10.93 -8.74
N ARG B 25 -7.69 -12.08 -9.39
CA ARG B 25 -8.53 -13.14 -8.82
C ARG B 25 -7.90 -13.78 -7.58
N TYR B 26 -6.59 -13.96 -7.64
CA TYR B 26 -5.84 -14.66 -6.64
C TYR B 26 -4.69 -13.79 -6.14
N GLY B 27 -4.37 -13.92 -4.85
CA GLY B 27 -3.19 -13.29 -4.27
C GLY B 27 -2.63 -14.11 -3.13
N ALA B 28 -1.31 -14.05 -2.96
CA ALA B 28 -0.62 -14.85 -1.92
C ALA B 28 0.56 -14.09 -1.39
N MET B 29 0.96 -14.41 -0.16
CA MET B 29 2.25 -13.95 0.34
C MET B 29 2.96 -15.11 1.04
N GLU B 30 4.23 -15.32 0.69
CA GLU B 30 5.10 -16.22 1.44
C GLU B 30 6.08 -15.41 2.28
N VAL B 31 6.35 -15.86 3.50
CA VAL B 31 7.44 -15.29 4.30
C VAL B 31 8.30 -16.46 4.81
N HIS B 32 9.60 -16.38 4.54
CA HIS B 32 10.58 -17.42 4.88
C HIS B 32 11.68 -16.90 5.84
N ASP B 33 12.42 -17.82 6.46
CA ASP B 33 13.63 -17.41 7.20
C ASP B 33 14.86 -17.45 6.27
N ARG B 34 16.06 -17.21 6.82
CA ARG B 34 17.27 -17.22 6.01
C ARG B 34 17.59 -18.60 5.48
N GLN B 35 17.06 -19.64 6.12
CA GLN B 35 17.26 -21.02 5.66
C GLN B 35 16.19 -21.40 4.63
N HIS B 36 15.40 -20.40 4.25
CA HIS B 36 14.30 -20.56 3.28
C HIS B 36 13.13 -21.44 3.76
N ARG B 37 13.08 -21.66 5.06
CA ARG B 37 11.95 -22.34 5.68
CA ARG B 37 11.96 -22.33 5.70
C ARG B 37 10.74 -21.41 5.63
N VAL B 38 9.57 -21.98 5.31
CA VAL B 38 8.33 -21.24 5.21
C VAL B 38 7.80 -20.90 6.60
N LEU B 39 7.75 -19.61 6.89
CA LEU B 39 7.26 -19.12 8.16
C LEU B 39 5.78 -18.80 8.10
N HIS B 40 5.36 -18.19 7.00
CA HIS B 40 3.97 -17.78 6.81
C HIS B 40 3.57 -17.97 5.35
N PHE B 41 2.34 -18.44 5.14
CA PHE B 41 1.80 -18.49 3.80
C PHE B 41 0.33 -18.12 3.91
N VAL B 42 0.01 -16.97 3.33
CA VAL B 42 -1.36 -16.43 3.36
CA VAL B 42 -1.34 -16.41 3.38
C VAL B 42 -1.83 -16.11 1.96
N TYR B 43 -3.15 -16.16 1.74
CA TYR B 43 -3.72 -16.05 0.39
C TYR B 43 -5.16 -15.55 0.32
N GLU B 44 -5.61 -15.26 -0.90
CA GLU B 44 -6.96 -14.77 -1.14
C GLU B 44 -7.44 -15.27 -2.52
N GLY B 45 -8.74 -15.53 -2.65
CA GLY B 45 -9.30 -15.98 -3.93
C GLY B 45 -9.52 -17.47 -4.08
N ILE B 46 -9.14 -18.23 -3.06
CA ILE B 46 -9.22 -19.68 -3.12
C ILE B 46 -10.03 -20.24 -1.95
N ASP B 47 -11.01 -21.06 -2.30
CA ASP B 47 -11.91 -21.64 -1.28
C ASP B 47 -11.21 -22.70 -0.44
N GLU B 48 -11.67 -22.87 0.79
CA GLU B 48 -11.00 -23.71 1.78
C GLU B 48 -10.96 -25.17 1.35
N GLU B 49 -11.98 -25.60 0.61
CA GLU B 49 -12.05 -26.97 0.15
C GLU B 49 -10.97 -27.23 -0.91
N THR B 50 -10.74 -26.24 -1.78
CA THR B 50 -9.66 -26.35 -2.77
C THR B 50 -8.30 -26.40 -2.07
N VAL B 51 -8.10 -25.51 -1.10
CA VAL B 51 -6.87 -25.49 -0.28
C VAL B 51 -6.55 -26.89 0.26
N ARG B 52 -7.57 -27.51 0.87
CA ARG B 52 -7.47 -28.88 1.41
C ARG B 52 -7.06 -29.88 0.35
N ARG B 53 -7.67 -29.78 -0.83
CA ARG B 53 -7.37 -30.69 -1.94
C ARG B 53 -5.93 -30.53 -2.42
N ILE B 54 -5.46 -29.28 -2.49
CA ILE B 54 -4.05 -29.03 -2.86
C ILE B 54 -3.12 -29.74 -1.89
N GLY B 55 -3.43 -29.66 -0.60
CA GLY B 55 -2.66 -30.37 0.41
C GLY B 55 -1.42 -29.57 0.78
N HIS B 56 -0.25 -30.05 0.38
CA HIS B 56 1.01 -29.47 0.83
C HIS B 56 1.19 -28.00 0.47
N LEU B 57 1.71 -27.23 1.42
CA LEU B 57 2.00 -25.83 1.21
C LEU B 57 3.10 -25.68 0.18
N PRO B 58 3.15 -24.51 -0.49
CA PRO B 58 4.24 -24.27 -1.44
C PRO B 58 5.56 -24.24 -0.70
N LYS B 59 6.61 -24.68 -1.36
CA LYS B 59 7.93 -24.71 -0.75
C LYS B 59 8.79 -23.56 -1.26
N GLY B 60 8.25 -22.76 -2.18
CA GLY B 60 9.00 -21.65 -2.74
C GLY B 60 9.93 -22.12 -3.85
N LEU B 61 9.38 -22.91 -4.76
CA LEU B 61 10.13 -23.43 -5.88
C LEU B 61 9.72 -22.66 -7.14
N GLY B 62 10.22 -23.06 -8.30
CA GLY B 62 9.85 -22.42 -9.55
C GLY B 62 9.98 -20.91 -9.56
N VAL B 63 8.97 -20.25 -10.13
CA VAL B 63 8.99 -18.80 -10.32
C VAL B 63 9.12 -18.00 -9.01
N ILE B 64 8.37 -18.37 -7.98
CA ILE B 64 8.58 -17.76 -6.66
C ILE B 64 9.97 -18.06 -6.10
N GLY B 65 10.45 -19.27 -6.32
CA GLY B 65 11.83 -19.62 -6.00
C GLY B 65 12.83 -18.67 -6.64
N LEU B 66 12.52 -18.23 -7.87
CA LEU B 66 13.37 -17.27 -8.57
C LEU B 66 13.43 -15.93 -7.86
N LEU B 67 12.27 -15.48 -7.37
CA LEU B 67 12.17 -14.18 -6.69
C LEU B 67 12.74 -14.24 -5.29
N ILE B 68 12.64 -15.40 -4.65
CA ILE B 68 13.30 -15.60 -3.35
C ILE B 68 14.81 -15.51 -3.54
N GLU B 69 15.30 -16.05 -4.65
CA GLU B 69 16.71 -16.07 -5.02
C GLU B 69 17.23 -14.67 -5.34
N ASP B 70 16.52 -14.01 -6.26
CA ASP B 70 16.82 -12.65 -6.64
C ASP B 70 15.57 -11.78 -6.50
N PRO B 71 15.38 -11.17 -5.31
CA PRO B 71 14.20 -10.35 -5.03
C PRO B 71 14.16 -9.07 -5.86
N LYS B 72 13.21 -9.01 -6.79
CA LYS B 72 12.91 -7.82 -7.56
C LYS B 72 11.54 -8.05 -8.17
N PRO B 73 10.86 -6.98 -8.63
CA PRO B 73 9.55 -7.18 -9.25
C PRO B 73 9.64 -8.00 -10.55
N LEU B 74 8.59 -8.77 -10.80
CA LEU B 74 8.47 -9.60 -11.99
C LEU B 74 7.01 -9.67 -12.38
N ARG B 75 6.74 -9.27 -13.62
CA ARG B 75 5.46 -9.49 -14.27
C ARG B 75 5.62 -10.46 -15.44
N LEU B 76 4.66 -11.37 -15.54
CA LEU B 76 4.60 -12.36 -16.62
C LEU B 76 3.19 -12.44 -17.20
N ASP B 77 3.11 -12.52 -18.52
CA ASP B 77 1.83 -12.67 -19.20
C ASP B 77 1.26 -14.06 -19.01
N ASP B 78 2.11 -15.03 -18.68
CA ASP B 78 1.78 -16.44 -18.61
C ASP B 78 2.85 -17.14 -17.79
N VAL B 79 2.58 -17.29 -16.50
CA VAL B 79 3.58 -17.77 -15.55
C VAL B 79 4.13 -19.16 -15.94
N SER B 80 3.30 -19.99 -16.58
CA SER B 80 3.68 -21.35 -17.00
C SER B 80 4.76 -21.36 -18.06
N ALA B 81 4.80 -20.30 -18.86
CA ALA B 81 5.74 -20.17 -19.97
C ALA B 81 7.17 -19.82 -19.53
N HIS B 82 7.33 -19.38 -18.29
CA HIS B 82 8.64 -18.99 -17.78
C HIS B 82 9.54 -20.23 -17.71
N PRO B 83 10.81 -20.10 -18.14
CA PRO B 83 11.73 -21.26 -18.14
C PRO B 83 11.89 -21.92 -16.78
N ALA B 84 11.78 -21.12 -15.72
CA ALA B 84 12.03 -21.55 -14.37
C ALA B 84 10.78 -22.12 -13.73
N SER B 85 9.65 -21.98 -14.42
CA SER B 85 8.37 -22.49 -13.93
C SER B 85 8.42 -23.98 -13.64
N ILE B 86 7.92 -24.37 -12.46
CA ILE B 86 7.88 -25.76 -12.03
C ILE B 86 6.50 -26.39 -12.32
N GLY B 87 5.50 -25.54 -12.51
CA GLY B 87 4.13 -25.98 -12.79
C GLY B 87 3.32 -26.08 -11.51
N PHE B 88 2.00 -26.14 -11.67
CA PHE B 88 1.06 -26.22 -10.51
C PHE B 88 0.95 -27.64 -9.97
N PRO B 89 0.76 -27.81 -8.64
CA PRO B 89 0.51 -29.16 -8.14
C PRO B 89 -0.90 -29.65 -8.50
N PRO B 90 -1.16 -30.96 -8.37
CA PRO B 90 -2.52 -31.39 -8.61
C PRO B 90 -3.52 -30.59 -7.76
N TYR B 91 -4.74 -30.41 -8.28
CA TYR B 91 -5.85 -29.69 -7.62
C TYR B 91 -5.74 -28.14 -7.54
N HIS B 92 -4.57 -27.60 -7.84
CA HIS B 92 -4.32 -26.16 -7.80
C HIS B 92 -5.06 -25.47 -8.96
N PRO B 93 -5.74 -24.34 -8.68
CA PRO B 93 -6.35 -23.58 -9.77
C PRO B 93 -5.33 -23.21 -10.82
N PRO B 94 -5.66 -23.36 -12.11
CA PRO B 94 -4.78 -22.85 -13.14
C PRO B 94 -4.68 -21.32 -13.05
N MET B 95 -3.52 -20.77 -13.38
CA MET B 95 -3.28 -19.33 -13.27
C MET B 95 -2.39 -18.90 -14.45
N ARG B 96 -2.58 -17.66 -14.93
CA ARG B 96 -1.85 -17.20 -16.12
C ARG B 96 -1.04 -15.92 -15.93
N THR B 97 -1.69 -14.76 -15.91
CA THR B 97 -0.98 -13.50 -15.65
C THR B 97 -0.46 -13.44 -14.23
N PHE B 98 0.66 -12.76 -14.05
CA PHE B 98 1.39 -12.85 -12.80
C PHE B 98 2.10 -11.56 -12.47
N LEU B 99 2.03 -11.17 -11.20
CA LEU B 99 2.82 -10.06 -10.67
C LEU B 99 3.34 -10.45 -9.30
N GLY B 100 4.65 -10.36 -9.09
CA GLY B 100 5.23 -10.67 -7.78
C GLY B 100 6.33 -9.70 -7.42
N VAL B 101 6.44 -9.38 -6.12
CA VAL B 101 7.39 -8.36 -5.66
C VAL B 101 7.94 -8.77 -4.30
N PRO B 102 9.20 -8.38 -3.95
CA PRO B 102 9.67 -8.76 -2.61
C PRO B 102 8.95 -8.04 -1.48
N VAL B 103 8.83 -8.72 -0.36
CA VAL B 103 8.37 -8.12 0.89
C VAL B 103 9.64 -7.88 1.70
N ARG B 104 10.01 -6.62 1.85
CA ARG B 104 11.35 -6.29 2.37
C ARG B 104 11.44 -4.97 3.09
N VAL B 105 12.55 -4.82 3.82
CA VAL B 105 13.07 -3.53 4.25
C VAL B 105 14.40 -3.32 3.51
N ARG B 106 15.03 -2.16 3.70
CA ARG B 106 16.29 -1.86 3.02
CA ARG B 106 16.30 -1.86 3.03
C ARG B 106 17.38 -2.91 3.33
N ASP B 107 17.43 -3.36 4.58
CA ASP B 107 18.45 -4.32 5.03
C ASP B 107 18.27 -5.77 4.54
N GLU B 108 17.03 -6.17 4.26
CA GLU B 108 16.75 -7.59 4.01
C GLU B 108 15.39 -7.81 3.37
N SER B 109 15.29 -8.86 2.57
CA SER B 109 14.02 -9.29 2.00
C SER B 109 13.56 -10.56 2.70
N PHE B 110 12.29 -10.61 3.05
CA PHE B 110 11.73 -11.70 3.87
C PHE B 110 10.67 -12.54 3.18
N GLY B 111 10.20 -12.12 2.02
CA GLY B 111 9.02 -12.74 1.45
C GLY B 111 8.75 -12.29 0.05
N THR B 112 7.63 -12.74 -0.50
CA THR B 112 7.20 -12.33 -1.82
C THR B 112 5.71 -12.19 -1.79
N LEU B 113 5.24 -11.04 -2.26
CA LEU B 113 3.81 -10.79 -2.50
C LEU B 113 3.50 -11.03 -3.97
N TYR B 114 2.52 -11.88 -4.24
CA TYR B 114 2.22 -12.21 -5.62
C TYR B 114 0.75 -12.34 -5.96
N LEU B 115 0.42 -11.90 -7.17
CA LEU B 115 -0.94 -11.81 -7.67
C LEU B 115 -1.01 -12.45 -9.04
N THR B 116 -2.13 -13.12 -9.33
CA THR B 116 -2.35 -13.77 -10.62
C THR B 116 -3.73 -13.46 -11.19
N ASP B 117 -3.84 -13.53 -12.52
CA ASP B 117 -5.14 -13.52 -13.17
C ASP B 117 -5.94 -12.26 -12.91
N LYS B 118 -5.40 -11.13 -13.37
CA LYS B 118 -6.13 -9.87 -13.34
C LYS B 118 -7.49 -10.09 -14.02
N THR B 119 -8.57 -9.66 -13.39
CA THR B 119 -9.91 -10.06 -13.84
C THR B 119 -10.34 -9.52 -15.20
N ASN B 120 -9.53 -8.65 -15.79
CA ASN B 120 -9.81 -8.12 -17.12
C ASN B 120 -9.08 -8.88 -18.23
N GLY B 121 -8.42 -9.99 -17.85
CA GLY B 121 -7.65 -10.84 -18.78
C GLY B 121 -6.37 -10.21 -19.30
N GLN B 122 -6.08 -9.00 -18.84
CA GLN B 122 -4.90 -8.24 -19.26
C GLN B 122 -3.71 -8.52 -18.36
N PRO B 123 -2.48 -8.31 -18.87
CA PRO B 123 -1.36 -8.43 -17.92
C PRO B 123 -1.41 -7.31 -16.88
N PHE B 124 -0.75 -7.51 -15.75
CA PHE B 124 -0.68 -6.47 -14.74
C PHE B 124 0.09 -5.25 -15.27
N SER B 125 -0.35 -4.05 -14.85
CA SER B 125 0.20 -2.77 -15.35
C SER B 125 1.43 -2.29 -14.57
N ASP B 126 2.11 -1.28 -15.10
CA ASP B 126 3.18 -0.60 -14.36
C ASP B 126 2.67 -0.03 -13.05
N ASP B 127 1.48 0.58 -13.12
CA ASP B 127 0.86 1.17 -11.94
C ASP B 127 0.54 0.11 -10.89
N ASP B 128 0.07 -1.05 -11.35
CA ASP B 128 -0.20 -2.23 -10.47
C ASP B 128 1.05 -2.63 -9.71
N GLU B 129 2.15 -2.74 -10.45
CA GLU B 129 3.42 -3.13 -9.86
C GLU B 129 3.91 -2.16 -8.80
N VAL B 130 3.85 -0.87 -9.09
CA VAL B 130 4.26 0.15 -8.12
C VAL B 130 3.41 0.08 -6.85
N LEU B 131 2.09 -0.12 -7.02
CA LEU B 131 1.12 -0.17 -5.91
C LEU B 131 1.39 -1.35 -4.98
N VAL B 132 1.67 -2.49 -5.58
CA VAL B 132 1.91 -3.72 -4.84
C VAL B 132 3.26 -3.64 -4.09
N GLN B 133 4.23 -2.94 -4.69
CA GLN B 133 5.49 -2.63 -4.01
C GLN B 133 5.24 -1.81 -2.73
N ALA B 134 4.32 -0.86 -2.80
CA ALA B 134 3.98 -0.04 -1.64
C ALA B 134 3.36 -0.87 -0.51
N LEU B 135 2.40 -1.75 -0.85
CA LEU B 135 1.77 -2.64 0.12
C LEU B 135 2.79 -3.63 0.66
N ALA B 136 3.61 -4.18 -0.22
CA ALA B 136 4.72 -5.06 0.18
C ALA B 136 5.62 -4.40 1.24
N ALA B 137 5.92 -3.12 1.04
CA ALA B 137 6.78 -2.36 1.95
C ALA B 137 6.20 -2.28 3.38
N ALA B 138 4.89 -2.05 3.47
CA ALA B 138 4.20 -2.02 4.76
C ALA B 138 4.29 -3.39 5.45
N ALA B 139 4.10 -4.45 4.65
CA ALA B 139 4.27 -5.82 5.12
C ALA B 139 5.69 -6.04 5.62
N GLY B 140 6.67 -5.54 4.86
CA GLY B 140 8.09 -5.70 5.21
C GLY B 140 8.43 -5.15 6.58
N ILE B 141 7.88 -3.98 6.91
CA ILE B 141 8.06 -3.36 8.22
C ILE B 141 7.45 -4.23 9.31
N ALA B 142 6.27 -4.78 9.04
CA ALA B 142 5.63 -5.72 9.98
C ALA B 142 6.52 -6.94 10.24
N VAL B 143 7.06 -7.53 9.17
CA VAL B 143 7.95 -8.69 9.27
C VAL B 143 9.23 -8.33 10.05
N ALA B 144 9.88 -7.22 9.67
CA ALA B 144 11.10 -6.75 10.37
C ALA B 144 10.84 -6.51 11.86
N ASN B 145 9.68 -5.95 12.17
CA ASN B 145 9.29 -5.69 13.54
C ASN B 145 9.06 -6.96 14.36
N ALA B 146 8.62 -8.03 13.70
CA ALA B 146 8.44 -9.31 14.38
C ALA B 146 9.78 -10.04 14.62
N ARG B 147 10.74 -9.86 13.72
CA ARG B 147 12.10 -10.40 13.91
C ARG B 147 12.80 -9.73 15.10
N LEU B 148 13.29 -8.51 14.88
CA LEU B 148 13.89 -7.71 15.94
C LEU B 148 13.32 -6.29 15.94
#